data_5E86
#
_entry.id   5E86
#
_cell.length_a   34.536
_cell.length_b   82.593
_cell.length_c   150.776
_cell.angle_alpha   90.00
_cell.angle_beta   90.00
_cell.angle_gamma   90.00
#
_symmetry.space_group_name_H-M   'C 2 2 21'
#
loop_
_entity.id
_entity.type
_entity.pdbx_description
1 polymer '78 kDa glucose-regulated protein'
2 water water
#
_entity_poly.entity_id   1
_entity_poly.type   'polypeptide(L)'
_entity_poly.pdbx_seq_one_letter_code
;SDVCPLTLGIETVGGVMTKLIPRNTVVPTKKSQIFSVGGTVTIKVYEGERPLTKDNHLLGTFDLTGIPPAPRGVPQIEVT
FEIDVNGILRVTAEDKGTGNKNKITITNDQNRLTPEEIERMVNDAEKFAEEDKKLKERIDTRNELESYAYSLKNQIGDKE
KLGGKLSSEDKETMEKAVEEKIEWLESHQDADIEDFKAKKKELEEIVQPIISKLYGSENLYFQGSNRLLLTG
;
_entity_poly.pdbx_strand_id   A
#
# COMPACT_ATOMS: atom_id res chain seq x y z
N ASP A 2 -13.67 19.36 -17.99
CA ASP A 2 -13.86 19.25 -16.55
C ASP A 2 -12.77 18.43 -15.88
N VAL A 3 -12.43 18.81 -14.65
CA VAL A 3 -11.32 18.21 -13.91
C VAL A 3 -11.76 17.88 -12.48
N CYS A 4 -11.22 16.81 -11.90
CA CYS A 4 -11.57 16.46 -10.51
C CYS A 4 -10.86 17.37 -9.51
N PRO A 5 -11.63 17.96 -8.58
CA PRO A 5 -11.16 19.02 -7.70
C PRO A 5 -10.18 18.55 -6.62
N LEU A 6 -10.38 17.37 -6.07
CA LEU A 6 -9.51 16.86 -5.01
C LEU A 6 -8.86 15.54 -5.39
N THR A 7 -7.65 15.32 -4.87
CA THR A 7 -6.96 14.05 -5.08
C THR A 7 -7.73 12.92 -4.39
N LEU A 8 -8.10 11.90 -5.17
CA LEU A 8 -8.80 10.75 -4.63
C LEU A 8 -7.80 9.66 -4.25
N GLY A 9 -8.05 9.00 -3.14
CA GLY A 9 -7.16 7.94 -2.68
C GLY A 9 -7.83 6.90 -1.82
N ILE A 10 -7.01 6.05 -1.22
CA ILE A 10 -7.48 4.94 -0.41
C ILE A 10 -6.61 4.90 0.85
N GLU A 11 -7.17 4.45 1.97
CA GLU A 11 -6.38 4.41 3.20
C GLU A 11 -5.53 3.14 3.29
N THR A 12 -4.24 3.32 3.57
CA THR A 12 -3.32 2.22 3.79
C THR A 12 -2.86 2.18 5.24
N VAL A 13 -2.15 1.11 5.61
CA VAL A 13 -1.74 0.87 6.99
C VAL A 13 -1.04 2.07 7.66
N GLY A 14 -1.48 2.42 8.86
CA GLY A 14 -0.92 3.54 9.59
C GLY A 14 -1.71 4.82 9.38
N GLY A 15 -2.97 4.68 8.95
CA GLY A 15 -3.81 5.82 8.64
C GLY A 15 -3.26 6.64 7.49
N VAL A 16 -2.58 5.96 6.57
CA VAL A 16 -1.89 6.63 5.46
C VAL A 16 -2.78 6.82 4.23
N MET A 17 -2.74 8.01 3.65
CA MET A 17 -3.46 8.33 2.41
C MET A 17 -2.65 7.92 1.19
N THR A 18 -3.03 6.81 0.55
CA THR A 18 -2.40 6.39 -0.71
C THR A 18 -3.15 7.00 -1.89
N LYS A 19 -2.51 7.92 -2.59
CA LYS A 19 -3.14 8.60 -3.71
C LYS A 19 -3.27 7.70 -4.93
N LEU A 20 -4.43 7.76 -5.59
CA LEU A 20 -4.63 7.05 -6.85
C LEU A 20 -4.90 8.03 -7.98
N ILE A 21 -5.97 8.81 -7.87
CA ILE A 21 -6.26 9.83 -8.86
C ILE A 21 -5.83 11.22 -8.36
N PRO A 22 -4.75 11.77 -8.94
CA PRO A 22 -4.22 13.07 -8.53
C PRO A 22 -5.22 14.20 -8.77
N ARG A 23 -5.14 15.24 -7.95
CA ARG A 23 -5.95 16.44 -8.14
C ARG A 23 -5.66 17.05 -9.52
N ASN A 24 -6.68 17.68 -10.10
CA ASN A 24 -6.59 18.26 -11.44
C ASN A 24 -6.44 17.24 -12.57
N THR A 25 -6.84 16.00 -12.31
CA THR A 25 -6.87 14.97 -13.35
C THR A 25 -8.14 15.13 -14.19
N VAL A 26 -7.97 15.09 -15.51
CA VAL A 26 -9.09 15.27 -16.42
C VAL A 26 -10.05 14.08 -16.37
N VAL A 27 -11.34 14.37 -16.22
CA VAL A 27 -12.39 13.36 -16.26
C VAL A 27 -12.85 13.20 -17.71
N PRO A 28 -13.30 11.99 -18.09
CA PRO A 28 -13.34 10.79 -17.26
C PRO A 28 -11.99 10.10 -17.24
N THR A 29 -11.69 9.43 -16.12
CA THR A 29 -10.43 8.72 -15.98
C THR A 29 -10.60 7.41 -15.23
N LYS A 30 -9.49 6.68 -15.11
CA LYS A 30 -9.49 5.40 -14.45
C LYS A 30 -8.05 5.10 -14.01
N LYS A 31 -7.89 4.47 -12.85
CA LYS A 31 -6.57 4.06 -12.39
C LYS A 31 -6.66 2.88 -11.43
N SER A 32 -5.77 1.91 -11.64
CA SER A 32 -5.74 0.73 -10.78
C SER A 32 -4.42 0.65 -10.01
N GLN A 33 -4.46 -0.02 -8.88
CA GLN A 33 -3.25 -0.32 -8.11
C GLN A 33 -3.50 -1.58 -7.27
N ILE A 34 -2.48 -2.40 -7.10
CA ILE A 34 -2.62 -3.66 -6.38
C ILE A 34 -2.09 -3.54 -4.95
N PHE A 35 -2.81 -4.13 -4.00
CA PHE A 35 -2.42 -4.08 -2.60
C PHE A 35 -2.39 -5.47 -1.99
N SER A 36 -1.62 -5.62 -0.91
CA SER A 36 -1.63 -6.85 -0.13
C SER A 36 -2.50 -6.58 1.09
N VAL A 37 -3.08 -7.62 1.67
CA VAL A 37 -3.90 -7.44 2.86
C VAL A 37 -3.46 -8.36 4.00
N GLY A 38 -3.62 -7.90 5.24
CA GLY A 38 -3.26 -8.68 6.40
C GLY A 38 -4.29 -8.57 7.52
N GLY A 39 -5.55 -8.68 7.15
CA GLY A 39 -6.65 -8.59 8.10
C GLY A 39 -7.99 -8.56 7.39
N THR A 40 -8.86 -7.65 7.83
CA THR A 40 -10.13 -7.42 7.13
C THR A 40 -9.86 -6.58 5.89
N VAL A 41 -10.40 -7.00 4.75
CA VAL A 41 -10.20 -6.26 3.51
C VAL A 41 -11.16 -5.06 3.45
N THR A 42 -10.80 -4.01 4.18
CA THR A 42 -11.60 -2.79 4.24
C THR A 42 -11.02 -1.73 3.31
N ILE A 43 -11.86 -1.20 2.42
CA ILE A 43 -11.44 -0.16 1.51
C ILE A 43 -12.08 1.17 1.90
N LYS A 44 -11.26 2.08 2.42
CA LYS A 44 -11.74 3.39 2.83
C LYS A 44 -11.32 4.44 1.81
N VAL A 45 -12.32 5.02 1.14
CA VAL A 45 -12.07 5.98 0.06
C VAL A 45 -11.99 7.39 0.63
N TYR A 46 -10.90 8.09 0.32
CA TYR A 46 -10.68 9.43 0.86
C TYR A 46 -10.50 10.49 -0.21
N GLU A 47 -10.56 11.75 0.23
CA GLU A 47 -10.57 12.89 -0.65
C GLU A 47 -9.77 14.00 0.02
N GLY A 48 -8.63 14.36 -0.56
CA GLY A 48 -7.77 15.37 0.01
C GLY A 48 -6.34 15.30 -0.48
N GLU A 49 -5.50 16.21 0.01
CA GLU A 49 -4.14 16.34 -0.48
C GLU A 49 -3.13 16.04 0.62
N ARG A 50 -3.63 15.75 1.82
CA ARG A 50 -2.78 15.49 2.98
C ARG A 50 -2.33 14.02 3.02
N PRO A 51 -1.13 13.77 3.59
CA PRO A 51 -0.54 12.42 3.64
C PRO A 51 -1.28 11.48 4.60
N LEU A 52 -1.96 12.03 5.60
CA LEU A 52 -2.76 11.23 6.52
C LEU A 52 -4.26 11.39 6.26
N THR A 53 -5.00 10.29 6.31
CA THR A 53 -6.42 10.29 5.95
C THR A 53 -7.30 11.02 6.97
N LYS A 54 -6.83 11.15 8.20
CA LYS A 54 -7.59 11.86 9.22
C LYS A 54 -7.78 13.33 8.84
N ASP A 55 -6.83 13.86 8.07
CA ASP A 55 -6.88 15.25 7.65
C ASP A 55 -7.54 15.39 6.27
N ASN A 56 -8.02 14.28 5.73
CA ASN A 56 -8.76 14.30 4.47
C ASN A 56 -10.25 14.05 4.67
N HIS A 57 -11.00 14.02 3.57
CA HIS A 57 -12.44 13.83 3.66
C HIS A 57 -12.86 12.43 3.25
N LEU A 58 -13.45 11.69 4.19
CA LEU A 58 -13.93 10.34 3.92
C LEU A 58 -15.16 10.37 3.00
N LEU A 59 -15.13 9.55 1.95
CA LEU A 59 -16.22 9.52 0.97
C LEU A 59 -17.03 8.25 1.06
N GLY A 60 -16.38 7.15 1.43
CA GLY A 60 -17.06 5.86 1.51
C GLY A 60 -16.16 4.77 2.06
N THR A 61 -16.78 3.67 2.46
CA THR A 61 -16.07 2.52 2.99
C THR A 61 -16.88 1.26 2.68
N PHE A 62 -16.18 0.24 2.20
CA PHE A 62 -16.80 -1.07 1.99
C PHE A 62 -15.78 -2.17 2.21
N ASP A 63 -16.24 -3.37 2.51
CA ASP A 63 -15.32 -4.50 2.69
C ASP A 63 -15.45 -5.49 1.54
N LEU A 64 -14.32 -6.07 1.15
CA LEU A 64 -14.35 -7.18 0.20
C LEU A 64 -14.52 -8.48 0.98
N THR A 65 -15.60 -9.20 0.68
CA THR A 65 -16.01 -10.36 1.46
C THR A 65 -15.70 -11.67 0.73
N GLY A 66 -15.35 -12.71 1.49
CA GLY A 66 -15.21 -14.05 0.92
C GLY A 66 -13.78 -14.41 0.56
N ILE A 67 -12.83 -13.62 1.04
CA ILE A 67 -11.42 -13.91 0.84
C ILE A 67 -10.96 -14.93 1.88
N PRO A 68 -10.39 -16.05 1.41
CA PRO A 68 -9.96 -17.12 2.31
C PRO A 68 -8.84 -16.65 3.24
N PRO A 69 -8.89 -17.05 4.52
CA PRO A 69 -7.92 -16.62 5.52
C PRO A 69 -6.49 -17.03 5.14
N ALA A 70 -5.56 -16.09 5.23
CA ALA A 70 -4.16 -16.32 4.88
C ALA A 70 -3.28 -15.39 5.70
N PRO A 71 -1.98 -15.72 5.83
CA PRO A 71 -1.06 -14.82 6.55
C PRO A 71 -1.01 -13.42 5.96
N ARG A 72 -0.46 -12.48 6.73
CA ARG A 72 -0.40 -11.07 6.37
C ARG A 72 0.36 -10.83 5.06
N GLY A 73 -0.27 -10.13 4.12
CA GLY A 73 0.38 -9.77 2.87
C GLY A 73 0.22 -10.79 1.75
N VAL A 74 -0.27 -11.99 2.10
CA VAL A 74 -0.48 -13.04 1.10
C VAL A 74 -1.55 -12.68 0.05
N PRO A 75 -2.76 -12.31 0.49
CA PRO A 75 -3.76 -12.03 -0.55
C PRO A 75 -3.43 -10.74 -1.32
N GLN A 76 -3.65 -10.79 -2.63
CA GLN A 76 -3.38 -9.64 -3.50
C GLN A 76 -4.69 -9.06 -4.00
N ILE A 77 -4.87 -7.76 -3.81
CA ILE A 77 -6.13 -7.09 -4.14
C ILE A 77 -5.93 -5.97 -5.15
N GLU A 78 -6.66 -6.02 -6.26
CA GLU A 78 -6.61 -4.93 -7.23
C GLU A 78 -7.72 -3.92 -6.95
N VAL A 79 -7.34 -2.67 -6.76
CA VAL A 79 -8.31 -1.61 -6.50
C VAL A 79 -8.35 -0.65 -7.70
N THR A 80 -9.55 -0.40 -8.21
CA THR A 80 -9.71 0.50 -9.36
C THR A 80 -10.62 1.68 -9.07
N PHE A 81 -10.11 2.88 -9.31
CA PHE A 81 -10.89 4.11 -9.17
C PHE A 81 -11.36 4.57 -10.54
N GLU A 82 -12.66 4.82 -10.68
CA GLU A 82 -13.22 5.34 -11.91
C GLU A 82 -14.08 6.57 -11.64
N ILE A 83 -13.73 7.69 -12.27
CA ILE A 83 -14.61 8.86 -12.26
C ILE A 83 -15.21 9.02 -13.65
N ASP A 84 -16.53 9.12 -13.73
CA ASP A 84 -17.16 9.43 -15.02
C ASP A 84 -17.24 10.94 -15.25
N VAL A 85 -17.90 11.33 -16.34
CA VAL A 85 -18.01 12.73 -16.71
C VAL A 85 -19.04 13.48 -15.86
N ASN A 86 -19.75 12.73 -15.00
CA ASN A 86 -20.76 13.34 -14.13
C ASN A 86 -20.22 13.60 -12.73
N GLY A 87 -19.01 13.13 -12.46
CA GLY A 87 -18.43 13.25 -11.14
C GLY A 87 -18.75 12.05 -10.27
N ILE A 88 -19.37 11.04 -10.87
CA ILE A 88 -19.69 9.81 -10.15
C ILE A 88 -18.41 9.00 -9.96
N LEU A 89 -18.14 8.62 -8.71
CA LEU A 89 -16.95 7.83 -8.40
C LEU A 89 -17.33 6.38 -8.14
N ARG A 90 -16.72 5.47 -8.89
CA ARG A 90 -16.92 4.04 -8.66
C ARG A 90 -15.60 3.39 -8.25
N VAL A 91 -15.59 2.76 -7.10
CA VAL A 91 -14.40 2.09 -6.59
C VAL A 91 -14.59 0.58 -6.59
N THR A 92 -13.70 -0.12 -7.28
CA THR A 92 -13.78 -1.58 -7.38
C THR A 92 -12.64 -2.22 -6.60
N ALA A 93 -12.93 -3.30 -5.89
CA ALA A 93 -11.90 -4.10 -5.24
C ALA A 93 -12.05 -5.53 -5.68
N GLU A 94 -10.98 -6.13 -6.20
CA GLU A 94 -11.05 -7.49 -6.71
C GLU A 94 -9.92 -8.37 -6.16
N ASP A 95 -10.29 -9.48 -5.54
CA ASP A 95 -9.29 -10.45 -5.08
C ASP A 95 -8.63 -11.10 -6.28
N LYS A 96 -7.35 -10.79 -6.47
CA LYS A 96 -6.58 -11.23 -7.64
C LYS A 96 -6.52 -12.76 -7.78
N GLY A 97 -6.77 -13.46 -6.68
CA GLY A 97 -6.64 -14.91 -6.66
C GLY A 97 -7.93 -15.71 -6.74
N THR A 98 -9.07 -15.03 -6.71
CA THR A 98 -10.36 -15.71 -6.78
C THR A 98 -11.34 -15.05 -7.75
N GLY A 99 -11.04 -13.84 -8.18
CA GLY A 99 -11.94 -13.09 -9.04
C GLY A 99 -13.08 -12.46 -8.26
N ASN A 100 -13.08 -12.68 -6.95
CA ASN A 100 -14.06 -12.08 -6.05
C ASN A 100 -14.04 -10.57 -6.17
N LYS A 101 -15.20 -9.95 -6.34
CA LYS A 101 -15.24 -8.54 -6.71
C LYS A 101 -16.45 -7.77 -6.18
N ASN A 102 -16.19 -6.78 -5.33
CA ASN A 102 -17.23 -5.85 -4.91
C ASN A 102 -16.95 -4.44 -5.43
N LYS A 103 -18.00 -3.71 -5.77
CA LYS A 103 -17.85 -2.36 -6.29
C LYS A 103 -18.78 -1.41 -5.56
N ILE A 104 -18.25 -0.24 -5.20
CA ILE A 104 -19.08 0.78 -4.54
C ILE A 104 -19.27 2.00 -5.45
N THR A 105 -20.46 2.60 -5.39
CA THR A 105 -20.75 3.78 -6.19
C THR A 105 -20.99 5.00 -5.29
N ILE A 106 -20.24 6.06 -5.53
CA ILE A 106 -20.35 7.28 -4.73
C ILE A 106 -20.86 8.44 -5.59
N THR A 107 -22.08 8.89 -5.30
CA THR A 107 -22.72 9.92 -6.12
C THR A 107 -22.63 11.31 -5.51
N ASN A 108 -22.85 12.33 -6.34
CA ASN A 108 -22.89 13.71 -5.87
C ASN A 108 -24.08 13.95 -4.95
N ASP A 109 -23.81 14.03 -3.65
CA ASP A 109 -24.84 14.28 -2.65
C ASP A 109 -24.45 15.47 -1.78
N GLN A 110 -25.04 15.55 -0.58
CA GLN A 110 -24.72 16.62 0.35
C GLN A 110 -23.33 16.42 0.96
N ASN A 111 -22.82 15.20 0.85
CA ASN A 111 -21.48 14.87 1.33
C ASN A 111 -20.41 15.38 0.38
N ARG A 112 -20.85 15.88 -0.79
CA ARG A 112 -19.94 16.51 -1.74
C ARG A 112 -19.57 17.91 -1.26
N LEU A 113 -18.28 18.19 -1.21
CA LEU A 113 -17.79 19.45 -0.67
C LEU A 113 -18.14 20.66 -1.52
N THR A 114 -18.42 21.78 -0.85
CA THR A 114 -18.67 23.05 -1.51
C THR A 114 -17.33 23.65 -1.94
N PRO A 115 -17.33 24.47 -3.00
CA PRO A 115 -16.10 25.08 -3.50
C PRO A 115 -15.35 25.88 -2.43
N GLU A 116 -16.08 26.37 -1.43
CA GLU A 116 -15.48 27.03 -0.28
C GLU A 116 -14.65 26.03 0.53
N GLU A 117 -15.27 24.88 0.82
CA GLU A 117 -14.60 23.81 1.55
C GLU A 117 -13.37 23.29 0.80
N ILE A 118 -13.52 23.11 -0.51
CA ILE A 118 -12.44 22.64 -1.37
C ILE A 118 -11.24 23.59 -1.33
N GLU A 119 -11.52 24.89 -1.47
CA GLU A 119 -10.47 25.91 -1.41
C GLU A 119 -9.69 25.81 -0.11
N ARG A 120 -10.40 25.62 0.99
CA ARG A 120 -9.80 25.44 2.30
C ARG A 120 -8.85 24.24 2.33
N MET A 121 -9.28 23.14 1.70
CA MET A 121 -8.48 21.91 1.68
C MET A 121 -7.23 22.04 0.81
N VAL A 122 -7.37 22.67 -0.35
CA VAL A 122 -6.22 22.93 -1.22
C VAL A 122 -5.22 23.85 -0.51
N ASN A 123 -5.72 24.92 0.09
CA ASN A 123 -4.89 25.85 0.85
C ASN A 123 -4.15 25.18 2.01
N ASP A 124 -4.83 24.28 2.71
CA ASP A 124 -4.24 23.55 3.84
C ASP A 124 -2.98 22.79 3.45
N ALA A 125 -3.05 22.03 2.36
CA ALA A 125 -1.91 21.27 1.88
C ALA A 125 -0.85 22.17 1.26
N GLU A 126 -1.24 23.37 0.86
CA GLU A 126 -0.29 24.35 0.34
C GLU A 126 0.56 24.88 1.48
N LYS A 127 -0.03 24.95 2.67
CA LYS A 127 0.62 25.52 3.84
C LYS A 127 1.55 24.52 4.55
N PHE A 128 1.09 23.29 4.69
CA PHE A 128 1.87 22.26 5.38
C PHE A 128 2.67 21.42 4.40
N ALA A 129 2.83 21.93 3.18
CA ALA A 129 3.56 21.24 2.12
C ALA A 129 4.93 20.74 2.58
N GLU A 130 5.74 21.66 3.10
CA GLU A 130 7.10 21.32 3.54
C GLU A 130 7.13 20.24 4.63
N GLU A 131 6.14 20.24 5.51
CA GLU A 131 6.07 19.26 6.59
C GLU A 131 5.39 17.97 6.12
N ASP A 132 4.52 18.08 5.14
CA ASP A 132 3.84 16.91 4.57
C ASP A 132 4.79 16.07 3.72
N LYS A 133 5.75 16.74 3.07
CA LYS A 133 6.73 16.06 2.23
C LYS A 133 7.62 15.11 3.03
N LYS A 134 8.17 15.61 4.13
CA LYS A 134 9.06 14.82 4.99
C LYS A 134 8.32 13.68 5.68
N LEU A 135 7.11 13.97 6.16
CA LEU A 135 6.26 12.96 6.80
C LEU A 135 5.89 11.86 5.82
N LYS A 136 5.63 12.25 4.58
CA LYS A 136 5.27 11.28 3.54
C LYS A 136 6.48 10.42 3.16
N GLU A 137 7.65 11.06 3.04
CA GLU A 137 8.86 10.35 2.66
C GLU A 137 9.44 9.53 3.81
N ARG A 138 8.84 9.67 4.99
CA ARG A 138 9.22 8.86 6.15
C ARG A 138 8.40 7.57 6.18
N ILE A 139 7.10 7.69 5.96
CA ILE A 139 6.21 6.53 5.96
C ILE A 139 6.42 5.65 4.72
N ASP A 140 6.84 6.26 3.62
CA ASP A 140 7.17 5.52 2.40
C ASP A 140 8.28 4.52 2.68
N THR A 141 9.38 5.01 3.24
CA THR A 141 10.53 4.16 3.57
C THR A 141 10.16 3.08 4.58
N ARG A 142 9.28 3.42 5.54
CA ARG A 142 8.78 2.42 6.48
C ARG A 142 7.95 1.35 5.77
N ASN A 143 7.11 1.78 4.84
CA ASN A 143 6.31 0.85 4.06
C ASN A 143 7.16 0.00 3.14
N GLU A 144 8.14 0.62 2.47
CA GLU A 144 9.08 -0.09 1.61
C GLU A 144 9.81 -1.19 2.39
N LEU A 145 10.03 -0.94 3.67
CA LEU A 145 10.59 -1.94 4.57
C LEU A 145 9.57 -3.03 4.87
N GLU A 146 8.37 -2.61 5.25
CA GLU A 146 7.31 -3.54 5.62
C GLU A 146 6.91 -4.42 4.43
N SER A 147 6.90 -3.83 3.23
CA SER A 147 6.62 -4.57 2.01
C SER A 147 7.65 -5.67 1.79
N TYR A 148 8.93 -5.29 1.79
CA TYR A 148 10.03 -6.21 1.51
C TYR A 148 10.03 -7.44 2.42
N ALA A 149 9.85 -7.22 3.72
CA ALA A 149 9.94 -8.28 4.71
C ALA A 149 8.84 -9.34 4.58
N TYR A 150 7.58 -8.90 4.50
CA TYR A 150 6.48 -9.83 4.35
C TYR A 150 6.45 -10.47 2.96
N SER A 151 6.84 -9.70 1.95
CA SER A 151 6.99 -10.24 0.60
C SER A 151 7.99 -11.39 0.64
N LEU A 152 9.09 -11.19 1.36
CA LEU A 152 10.09 -12.24 1.54
C LEU A 152 9.55 -13.37 2.40
N LYS A 153 8.84 -13.02 3.48
CA LYS A 153 8.29 -14.02 4.39
C LYS A 153 7.23 -14.88 3.72
N ASN A 154 6.41 -14.26 2.88
CA ASN A 154 5.39 -14.99 2.13
C ASN A 154 5.99 -15.85 1.02
N GLN A 155 7.15 -15.44 0.50
CA GLN A 155 7.85 -16.20 -0.53
C GLN A 155 8.46 -17.48 0.01
N ILE A 156 9.18 -17.36 1.13
CA ILE A 156 9.85 -18.52 1.75
C ILE A 156 8.88 -19.39 2.54
N GLY A 157 7.58 -19.10 2.42
CA GLY A 157 6.55 -19.90 3.05
C GLY A 157 5.69 -20.63 2.05
N ASP A 158 5.81 -20.24 0.78
CA ASP A 158 5.09 -20.90 -0.31
C ASP A 158 6.04 -21.88 -1.01
N LYS A 159 5.69 -23.17 -1.00
CA LYS A 159 6.49 -24.20 -1.64
C LYS A 159 6.47 -24.05 -3.16
N GLU A 160 5.44 -23.39 -3.67
CA GLU A 160 5.30 -23.17 -5.11
C GLU A 160 6.05 -21.92 -5.56
N LYS A 161 6.74 -21.29 -4.62
CA LYS A 161 7.57 -20.13 -4.90
C LYS A 161 8.99 -20.35 -4.40
N LEU A 162 9.61 -19.28 -3.90
CA LEU A 162 11.00 -19.32 -3.45
C LEU A 162 11.22 -20.32 -2.32
N GLY A 163 10.16 -20.63 -1.58
CA GLY A 163 10.24 -21.57 -0.49
C GLY A 163 10.44 -23.02 -0.92
N GLY A 164 10.33 -23.27 -2.22
CA GLY A 164 10.53 -24.61 -2.74
C GLY A 164 11.89 -24.81 -3.37
N LYS A 165 12.65 -23.72 -3.47
CA LYS A 165 13.97 -23.75 -4.09
C LYS A 165 15.09 -23.62 -3.05
N LEU A 166 14.75 -23.08 -1.89
CA LEU A 166 15.73 -22.87 -0.82
C LEU A 166 15.86 -24.10 0.06
N SER A 167 17.05 -24.30 0.62
CA SER A 167 17.27 -25.36 1.60
C SER A 167 16.62 -24.95 2.92
N SER A 168 16.38 -25.94 3.79
CA SER A 168 15.77 -25.68 5.10
C SER A 168 16.58 -24.69 5.92
N GLU A 169 17.90 -24.88 5.95
CA GLU A 169 18.79 -24.02 6.72
C GLU A 169 18.67 -22.54 6.34
N ASP A 170 18.82 -22.24 5.06
CA ASP A 170 18.67 -20.86 4.57
C ASP A 170 17.24 -20.36 4.77
N LYS A 171 16.26 -21.25 4.61
CA LYS A 171 14.87 -20.89 4.83
C LYS A 171 14.64 -20.48 6.28
N GLU A 172 15.20 -21.26 7.20
CA GLU A 172 15.15 -20.95 8.63
C GLU A 172 15.91 -19.64 8.91
N THR A 173 17.07 -19.47 8.29
CA THR A 173 17.88 -18.27 8.45
C THR A 173 17.13 -17.02 8.02
N MET A 174 16.46 -17.11 6.87
CA MET A 174 15.71 -15.98 6.33
C MET A 174 14.45 -15.68 7.14
N GLU A 175 13.79 -16.73 7.62
CA GLU A 175 12.58 -16.58 8.43
C GLU A 175 12.90 -15.86 9.74
N LYS A 176 14.01 -16.24 10.36
CA LYS A 176 14.42 -15.63 11.62
C LYS A 176 14.86 -14.19 11.42
N ALA A 177 15.39 -13.89 10.23
CA ALA A 177 15.86 -12.55 9.91
C ALA A 177 14.72 -11.55 9.71
N VAL A 178 13.68 -11.95 8.98
CA VAL A 178 12.53 -11.08 8.78
C VAL A 178 11.76 -10.91 10.08
N GLU A 179 11.85 -11.91 10.95
CA GLU A 179 11.20 -11.84 12.26
C GLU A 179 11.86 -10.77 13.10
N GLU A 180 13.19 -10.68 13.01
CA GLU A 180 13.94 -9.65 13.72
C GLU A 180 13.48 -8.26 13.29
N LYS A 181 13.33 -8.09 11.98
CA LYS A 181 12.95 -6.79 11.41
C LYS A 181 11.50 -6.44 11.68
N ILE A 182 10.62 -7.43 11.60
CA ILE A 182 9.21 -7.24 11.90
C ILE A 182 9.01 -6.85 13.36
N GLU A 183 9.63 -7.62 14.27
CA GLU A 183 9.60 -7.32 15.69
C GLU A 183 10.26 -5.96 15.98
N TRP A 184 11.25 -5.59 15.15
CA TRP A 184 11.86 -4.27 15.26
C TRP A 184 10.88 -3.19 14.84
N LEU A 185 10.19 -3.42 13.71
CA LEU A 185 9.24 -2.46 13.18
C LEU A 185 8.07 -2.25 14.14
N GLU A 186 7.77 -3.29 14.94
CA GLU A 186 6.69 -3.21 15.92
C GLU A 186 7.05 -2.28 17.08
N SER A 187 8.33 -2.20 17.40
CA SER A 187 8.79 -1.36 18.50
C SER A 187 9.50 -0.10 18.02
N HIS A 188 9.35 0.22 16.73
CA HIS A 188 10.00 1.39 16.14
C HIS A 188 9.18 2.02 15.01
N GLN A 189 7.88 2.15 15.20
CA GLN A 189 7.00 2.73 14.18
C GLN A 189 7.33 4.22 13.95
N ASP A 190 7.92 4.86 14.96
CA ASP A 190 8.30 6.26 14.87
C ASP A 190 9.81 6.42 14.68
N ALA A 191 10.36 5.78 13.66
CA ALA A 191 11.79 5.87 13.39
C ALA A 191 12.10 6.83 12.23
N ASP A 192 13.39 7.11 12.04
CA ASP A 192 13.82 8.06 11.01
C ASP A 192 13.89 7.42 9.63
N ILE A 193 13.96 8.27 8.60
CA ILE A 193 14.17 7.82 7.23
C ILE A 193 15.42 6.96 7.15
N GLU A 194 16.47 7.38 7.86
CA GLU A 194 17.73 6.65 7.91
C GLU A 194 17.55 5.22 8.44
N ASP A 195 16.82 5.08 9.54
CA ASP A 195 16.61 3.77 10.16
C ASP A 195 15.80 2.83 9.29
N PHE A 196 14.78 3.36 8.61
CA PHE A 196 13.94 2.57 7.73
C PHE A 196 14.69 2.15 6.46
N LYS A 197 15.58 3.03 5.98
CA LYS A 197 16.43 2.73 4.84
C LYS A 197 17.45 1.66 5.17
N ALA A 198 18.11 1.82 6.32
CA ALA A 198 19.15 0.88 6.75
C ALA A 198 18.59 -0.49 7.11
N LYS A 199 17.38 -0.52 7.64
CA LYS A 199 16.73 -1.77 8.02
C LYS A 199 16.39 -2.61 6.78
N LYS A 200 15.95 -1.95 5.72
CA LYS A 200 15.67 -2.61 4.45
C LYS A 200 16.97 -3.08 3.82
N LYS A 201 17.98 -2.23 3.89
CA LYS A 201 19.30 -2.54 3.35
C LYS A 201 19.87 -3.79 4.01
N GLU A 202 19.60 -3.96 5.30
CA GLU A 202 20.10 -5.10 6.06
C GLU A 202 19.47 -6.42 5.63
N LEU A 203 18.16 -6.43 5.42
CA LEU A 203 17.48 -7.61 4.90
C LEU A 203 18.00 -7.97 3.52
N GLU A 204 18.22 -6.96 2.68
CA GLU A 204 18.73 -7.17 1.33
C GLU A 204 20.11 -7.82 1.35
N GLU A 205 20.91 -7.44 2.33
CA GLU A 205 22.26 -8.00 2.47
C GLU A 205 22.25 -9.42 3.06
N ILE A 206 21.06 -9.88 3.44
CA ILE A 206 20.87 -11.24 3.94
C ILE A 206 20.31 -12.12 2.83
N VAL A 207 19.38 -11.57 2.05
CA VAL A 207 18.78 -12.24 0.91
C VAL A 207 19.81 -12.48 -0.19
N GLN A 208 20.63 -11.47 -0.45
CA GLN A 208 21.61 -11.49 -1.54
C GLN A 208 22.58 -12.68 -1.54
N PRO A 209 23.27 -12.96 -0.40
CA PRO A 209 24.22 -14.07 -0.42
C PRO A 209 23.52 -15.41 -0.67
N ILE A 210 22.28 -15.54 -0.20
CA ILE A 210 21.53 -16.79 -0.35
C ILE A 210 21.00 -16.99 -1.76
N ILE A 211 20.48 -15.92 -2.36
CA ILE A 211 20.03 -15.96 -3.76
C ILE A 211 21.24 -16.17 -4.69
N SER A 212 22.38 -15.62 -4.31
CA SER A 212 23.61 -15.75 -5.10
C SER A 212 24.12 -17.19 -5.11
N LYS A 213 23.92 -17.92 -4.01
CA LYS A 213 24.28 -19.33 -3.95
C LYS A 213 23.46 -20.14 -4.95
N LEU A 214 22.24 -19.69 -5.20
CA LEU A 214 21.28 -20.44 -6.01
C LEU A 214 21.18 -19.96 -7.46
N TYR A 215 21.34 -18.65 -7.67
CA TYR A 215 21.14 -18.08 -9.00
C TYR A 215 22.16 -17.01 -9.36
N GLY A 216 23.28 -16.97 -8.64
CA GLY A 216 24.34 -16.01 -8.92
C GLY A 216 24.92 -16.16 -10.31
N SER A 217 25.14 -17.40 -10.72
CA SER A 217 25.68 -17.70 -12.05
C SER A 217 24.78 -17.17 -13.16
N GLU A 218 23.48 -17.10 -12.87
CA GLU A 218 22.51 -16.62 -13.84
C GLU A 218 22.21 -15.13 -13.64
N ASN A 219 22.99 -14.46 -12.80
CA ASN A 219 22.82 -13.04 -12.49
C ASN A 219 21.43 -12.66 -12.00
N LEU A 220 20.82 -13.51 -11.20
CA LEU A 220 19.46 -13.27 -10.72
C LEU A 220 19.41 -12.69 -9.31
N TYR A 221 18.52 -11.73 -9.10
CA TYR A 221 18.36 -11.07 -7.80
C TYR A 221 16.89 -11.04 -7.40
N PHE A 222 16.64 -10.96 -6.10
CA PHE A 222 15.27 -10.95 -5.59
C PHE A 222 14.72 -9.52 -5.47
N GLN A 223 13.49 -9.32 -5.94
CA GLN A 223 12.84 -8.02 -5.84
C GLN A 223 11.67 -8.07 -4.88
N GLY A 224 11.44 -6.98 -4.16
CA GLY A 224 10.28 -6.85 -3.29
C GLY A 224 9.07 -6.40 -4.08
N SER A 225 7.89 -6.84 -3.67
CA SER A 225 6.66 -6.49 -4.37
C SER A 225 6.39 -4.99 -4.35
N ASN A 226 6.86 -4.31 -3.31
CA ASN A 226 6.63 -2.88 -3.09
C ASN A 226 5.15 -2.50 -2.93
N ARG A 227 4.26 -3.44 -3.22
CA ARG A 227 2.83 -3.24 -3.05
C ARG A 227 2.52 -2.93 -1.59
N LEU A 228 1.65 -1.95 -1.38
CA LEU A 228 1.37 -1.46 -0.03
C LEU A 228 0.37 -2.34 0.71
N LEU A 229 0.49 -2.38 2.03
CA LEU A 229 -0.45 -3.13 2.86
C LEU A 229 -1.71 -2.31 3.15
N LEU A 230 -2.86 -2.98 3.06
CA LEU A 230 -4.14 -2.31 3.29
C LEU A 230 -4.53 -2.39 4.77
N THR A 231 -4.44 -3.60 5.33
CA THR A 231 -4.78 -3.88 6.73
C THR A 231 -6.08 -3.23 7.19
#